data_3MUQ
#
_entry.id   3MUQ
#
_cell.length_a   107.075
_cell.length_b   109.088
_cell.length_c   51.665
_cell.angle_alpha   90.00
_cell.angle_beta   90.00
_cell.angle_gamma   90.00
#
_symmetry.space_group_name_H-M   'P 21 21 2'
#
loop_
_entity.id
_entity.type
_entity.pdbx_description
1 polymer 'uncharacterized conserved protein'
2 water water
#
_entity_poly.entity_id   1
_entity_poly.type   'polypeptide(L)'
_entity_poly.pdbx_seq_one_letter_code
;SNAAEHVRLATTTSTYHSGLLDYLLPQFEKDTGYKVDVIAAGTGKALK(MSE)GENGDVDLV(MSE)THAPKAEGTFVEK
GYGVLPRKL(MSE)YNDFVIVGPKADPAKIKDDESVLDVFKEIANKNATFISRGDDSGTHKKE(MSE)GFWAQTKIEPNF
GGYRSVGQG(MSE)GPTLN(MSE)ASE(MSE)QGYT(MSE)SDRGTWLAYQNKLDLEILFQGDEKLFNPYQVILVNPERY
PTINYQGAKAFSDWLVNPRGQELINGFRL
;
_entity_poly.pdbx_strand_id   A,B
#
# COMPACT_ATOMS: atom_id res chain seq x y z
N GLU A 5 14.03 3.23 -23.17
CA GLU A 5 12.60 2.96 -23.35
C GLU A 5 11.72 3.87 -22.49
N HIS A 6 10.81 4.59 -23.13
CA HIS A 6 10.21 5.75 -22.48
C HIS A 6 8.77 5.56 -22.04
N VAL A 7 8.51 5.95 -20.79
CA VAL A 7 7.19 5.81 -20.20
C VAL A 7 6.70 7.20 -19.84
N ARG A 8 5.55 7.59 -20.35
CA ARG A 8 5.00 8.89 -20.06
C ARG A 8 3.93 8.77 -18.98
N LEU A 9 4.11 9.52 -17.89
CA LEU A 9 3.20 9.54 -16.76
C LEU A 9 2.52 10.90 -16.64
N ALA A 10 1.20 10.91 -16.67
CA ALA A 10 0.47 12.14 -16.32
C ALA A 10 0.15 12.10 -14.84
N THR A 11 0.44 13.19 -14.13
CA THR A 11 0.04 13.27 -12.72
C THR A 11 -0.36 14.70 -12.37
N THR A 12 -0.68 14.93 -11.09
CA THR A 12 -1.07 16.27 -10.66
C THR A 12 0.10 17.17 -10.30
N THR A 13 -0.14 18.48 -10.38
CA THR A 13 0.84 19.48 -9.96
C THR A 13 1.22 19.27 -8.50
N SER A 14 0.23 19.04 -7.64
CA SER A 14 0.47 18.69 -6.24
C SER A 14 1.54 17.64 -6.13
N THR A 15 1.30 16.52 -6.82
CA THR A 15 2.16 15.35 -6.76
C THR A 15 3.57 15.67 -7.24
N TYR A 16 3.66 16.36 -8.38
CA TYR A 16 4.95 16.74 -8.93
C TYR A 16 5.76 17.55 -7.93
N HIS A 17 5.10 18.50 -7.27
CA HIS A 17 5.83 19.38 -6.36
C HIS A 17 6.13 18.72 -5.02
N SER A 18 5.32 17.71 -4.67
CA SER A 18 5.50 16.97 -3.44
C SER A 18 6.90 16.37 -3.29
N GLY A 19 7.55 16.06 -4.41
CA GLY A 19 8.84 15.40 -4.38
C GLY A 19 8.79 13.88 -4.41
N LEU A 20 7.58 13.32 -4.32
CA LEU A 20 7.39 11.87 -4.37
C LEU A 20 8.19 11.18 -5.49
N LEU A 21 8.05 11.70 -6.70
CA LEU A 21 8.63 11.06 -7.86
C LEU A 21 10.16 11.12 -7.86
N ASP A 22 10.70 12.20 -7.31
CA ASP A 22 12.15 12.32 -7.16
C ASP A 22 12.70 11.21 -6.29
N TYR A 23 11.84 10.68 -5.42
CA TYR A 23 12.20 9.59 -4.52
C TYR A 23 12.12 8.22 -5.22
N LEU A 24 11.19 8.07 -6.14
CA LEU A 24 10.92 6.78 -6.79
C LEU A 24 11.70 6.52 -8.07
N LEU A 25 11.72 7.52 -8.95
CA LEU A 25 12.14 7.33 -10.33
C LEU A 25 13.57 6.85 -10.50
N PRO A 26 14.51 7.45 -9.74
CA PRO A 26 15.90 7.03 -9.84
C PRO A 26 16.08 5.54 -9.60
N GLN A 27 15.46 5.01 -8.54
CA GLN A 27 15.56 3.57 -8.27
C GLN A 27 14.88 2.76 -9.36
N PHE A 28 13.70 3.22 -9.81
CA PHE A 28 12.98 2.48 -10.83
C PHE A 28 13.78 2.39 -12.12
N GLU A 29 14.44 3.48 -12.50
N GLU A 29 14.45 3.49 -12.48
CA GLU A 29 15.26 3.47 -13.72
CA GLU A 29 15.26 3.50 -13.70
C GLU A 29 16.44 2.54 -13.54
C GLU A 29 16.47 2.60 -13.55
N LYS A 30 17.08 2.65 -12.38
CA LYS A 30 18.21 1.79 -12.06
C LYS A 30 17.76 0.34 -12.16
N ASP A 31 16.60 0.03 -11.62
CA ASP A 31 16.11 -1.35 -11.61
C ASP A 31 15.77 -1.89 -12.99
N THR A 32 15.07 -1.10 -13.79
CA THR A 32 14.44 -1.65 -14.99
C THR A 32 14.98 -1.14 -16.33
N GLY A 33 15.67 0.00 -16.32
CA GLY A 33 16.09 0.63 -17.55
C GLY A 33 15.04 1.51 -18.19
N TYR A 34 13.84 1.60 -17.60
CA TYR A 34 12.83 2.48 -18.18
C TYR A 34 13.04 3.90 -17.72
N LYS A 35 12.80 4.85 -18.61
CA LYS A 35 12.85 6.27 -18.25
C LYS A 35 11.44 6.87 -18.20
N VAL A 36 11.05 7.41 -17.06
CA VAL A 36 9.72 7.99 -16.90
C VAL A 36 9.73 9.51 -17.11
N ASP A 37 8.97 9.99 -18.09
CA ASP A 37 8.73 11.44 -18.25
C ASP A 37 7.45 11.80 -17.50
N VAL A 38 7.54 12.79 -16.62
CA VAL A 38 6.38 13.24 -15.85
C VAL A 38 5.77 14.50 -16.49
N ILE A 39 4.47 14.46 -16.73
CA ILE A 39 3.75 15.62 -17.20
C ILE A 39 2.69 15.95 -16.15
N ALA A 40 2.86 17.08 -15.49
CA ALA A 40 2.05 17.42 -14.33
C ALA A 40 1.03 18.50 -14.67
N ALA A 41 -0.22 18.24 -14.34
CA ALA A 41 -1.30 19.17 -14.64
C ALA A 41 -2.41 19.01 -13.60
N GLY A 42 -3.54 19.66 -13.84
CA GLY A 42 -4.70 19.48 -12.99
C GLY A 42 -5.25 18.07 -13.18
N THR A 43 -6.08 17.64 -12.24
CA THR A 43 -6.64 16.29 -12.26
C THR A 43 -7.42 15.99 -13.53
N GLY A 44 -8.35 16.87 -13.89
CA GLY A 44 -9.13 16.66 -15.09
C GLY A 44 -8.26 16.57 -16.33
N LYS A 45 -7.19 17.37 -16.37
CA LYS A 45 -6.30 17.40 -17.54
C LYS A 45 -5.43 16.15 -17.60
N ALA A 46 -4.84 15.77 -16.46
CA ALA A 46 -4.11 14.52 -16.38
C ALA A 46 -4.96 13.36 -16.91
N LEU A 47 -6.19 13.23 -16.42
CA LEU A 47 -7.06 12.12 -16.87
C LEU A 47 -7.45 12.25 -18.35
N LYS A 48 -7.69 13.48 -18.77
CA LYS A 48 -7.99 13.75 -20.18
C LYS A 48 -6.83 13.32 -21.09
N MSE A 49 -5.61 13.57 -20.66
CA MSE A 49 -4.48 13.14 -21.45
C MSE A 49 -4.45 11.60 -21.56
O MSE A 49 -4.07 11.05 -22.60
CB MSE A 49 -3.19 13.68 -20.83
CG MSE A 49 -2.97 15.20 -21.05
SE MSE A 49 -1.19 15.76 -20.43
CE MSE A 49 -1.45 15.62 -18.50
N GLY A 50 -4.85 10.92 -20.49
CA GLY A 50 -4.98 9.47 -20.52
C GLY A 50 -6.12 9.02 -21.43
N GLU A 51 -7.25 9.69 -21.29
CA GLU A 51 -8.39 9.45 -22.21
C GLU A 51 -8.00 9.65 -23.68
N ASN A 52 -7.16 10.64 -23.95
CA ASN A 52 -6.74 10.93 -25.32
C ASN A 52 -5.53 10.11 -25.81
N GLY A 53 -4.94 9.30 -24.93
CA GLY A 53 -3.83 8.47 -25.33
C GLY A 53 -2.52 9.22 -25.53
N ASP A 54 -2.38 10.36 -24.85
CA ASP A 54 -1.18 11.17 -24.95
C ASP A 54 -0.06 10.59 -24.08
N VAL A 55 -0.45 9.85 -23.03
CA VAL A 55 0.49 9.29 -22.06
C VAL A 55 0.20 7.80 -21.86
N ASP A 56 1.06 7.10 -21.13
CA ASP A 56 0.93 5.66 -20.97
C ASP A 56 0.21 5.22 -19.70
N LEU A 57 0.25 6.08 -18.68
CA LEU A 57 -0.51 5.83 -17.46
C LEU A 57 -0.68 7.11 -16.66
N VAL A 58 -1.56 7.08 -15.67
CA VAL A 58 -1.86 8.26 -14.87
C VAL A 58 -1.75 7.96 -13.36
N MSE A 59 -1.43 8.99 -12.60
CA MSE A 59 -1.39 8.88 -11.15
C MSE A 59 -2.10 10.07 -10.56
O MSE A 59 -1.62 11.19 -10.67
CB MSE A 59 0.06 8.84 -10.66
CG MSE A 59 0.20 8.79 -9.14
SE MSE A 59 2.07 8.89 -8.57
CE MSE A 59 2.74 7.27 -9.46
N THR A 60 -3.26 9.85 -9.95
CA THR A 60 -4.02 10.93 -9.35
C THR A 60 -4.55 10.50 -7.97
N HIS A 61 -5.20 11.43 -7.28
CA HIS A 61 -5.77 11.13 -5.98
C HIS A 61 -7.20 11.67 -5.92
N ALA A 62 -8.04 11.20 -6.85
CA ALA A 62 -9.42 11.65 -7.02
C ALA A 62 -10.30 10.44 -7.36
N PRO A 63 -10.69 9.68 -6.33
CA PRO A 63 -11.44 8.42 -6.46
C PRO A 63 -12.67 8.52 -7.38
N LYS A 64 -13.42 9.61 -7.31
CA LYS A 64 -14.64 9.71 -8.09
C LYS A 64 -14.30 9.86 -9.56
N ALA A 65 -13.41 10.81 -9.84
CA ALA A 65 -12.97 11.03 -11.21
C ALA A 65 -12.32 9.76 -11.79
N GLU A 66 -11.52 9.07 -10.97
CA GLU A 66 -10.88 7.83 -11.41
C GLU A 66 -11.86 6.70 -11.65
N GLY A 67 -12.95 6.69 -10.90
CA GLY A 67 -13.98 5.67 -11.06
C GLY A 67 -14.62 5.78 -12.44
N THR A 68 -14.97 7.00 -12.83
CA THR A 68 -15.52 7.26 -14.15
C THR A 68 -14.50 6.92 -15.25
N PHE A 69 -13.25 7.34 -15.02
CA PHE A 69 -12.16 7.06 -15.95
C PHE A 69 -12.10 5.56 -16.29
N VAL A 70 -12.19 4.73 -15.26
CA VAL A 70 -12.12 3.28 -15.44
C VAL A 70 -13.42 2.72 -16.02
N GLU A 71 -14.54 3.26 -15.54
CA GLU A 71 -15.85 2.79 -15.97
C GLU A 71 -16.03 2.99 -17.48
N LYS A 72 -15.57 4.14 -17.99
CA LYS A 72 -15.72 4.43 -19.41
C LYS A 72 -14.68 3.69 -20.25
N GLY A 73 -13.81 2.94 -19.57
CA GLY A 73 -12.83 2.10 -20.25
C GLY A 73 -11.55 2.81 -20.66
N TYR A 74 -11.38 4.06 -20.21
CA TYR A 74 -10.21 4.84 -20.57
C TYR A 74 -8.95 4.28 -19.92
N GLY A 75 -9.08 3.83 -18.68
CA GLY A 75 -7.97 3.24 -17.97
C GLY A 75 -8.28 1.83 -17.50
N VAL A 76 -7.22 1.05 -17.27
CA VAL A 76 -7.35 -0.32 -16.79
C VAL A 76 -6.33 -0.60 -15.69
N LEU A 77 -6.49 -1.75 -15.03
CA LEU A 77 -5.68 -2.16 -13.88
C LEU A 77 -5.41 -1.04 -12.87
N PRO A 78 -6.48 -0.37 -12.41
CA PRO A 78 -6.27 0.67 -11.41
C PRO A 78 -5.77 0.04 -10.10
N ARG A 79 -4.83 0.72 -9.47
CA ARG A 79 -4.24 0.20 -8.25
C ARG A 79 -4.05 1.32 -7.28
N LYS A 80 -4.39 1.04 -6.03
CA LYS A 80 -4.20 2.01 -4.95
C LYS A 80 -2.73 1.98 -4.53
N LEU A 81 -2.08 3.13 -4.59
CA LEU A 81 -0.67 3.26 -4.22
C LEU A 81 -0.47 3.49 -2.73
N MSE A 82 -1.35 4.28 -2.14
CA MSE A 82 -1.16 4.70 -0.76
C MSE A 82 -2.39 5.48 -0.31
O MSE A 82 -3.12 6.03 -1.15
CB MSE A 82 0.10 5.58 -0.65
CG MSE A 82 -0.08 6.98 -1.23
SE MSE A 82 1.53 8.11 -1.19
CE MSE A 82 2.01 7.91 -3.04
N TYR A 83 -2.65 5.50 1.00
CA TYR A 83 -3.72 6.32 1.55
C TYR A 83 -3.12 7.37 2.48
N ASN A 84 -2.97 8.60 2.00
CA ASN A 84 -2.49 9.71 2.82
C ASN A 84 -3.57 10.22 3.78
N ASP A 85 -3.30 10.13 5.08
CA ASP A 85 -4.30 10.34 6.12
C ASP A 85 -3.70 11.28 7.19
N PHE A 86 -4.10 12.53 7.16
CA PHE A 86 -3.50 13.55 8.03
C PHE A 86 -4.49 14.05 9.08
N VAL A 87 -3.99 14.39 10.26
CA VAL A 87 -4.84 14.94 11.32
C VAL A 87 -4.16 16.15 11.94
N ILE A 88 -4.96 17.03 12.54
CA ILE A 88 -4.43 18.20 13.22
C ILE A 88 -4.51 17.91 14.71
N VAL A 89 -3.36 17.90 15.37
CA VAL A 89 -3.32 17.65 16.80
C VAL A 89 -2.90 18.91 17.54
N GLY A 90 -3.25 18.99 18.82
CA GLY A 90 -2.91 20.15 19.63
C GLY A 90 -3.25 19.91 21.09
N PRO A 91 -3.14 20.96 21.91
CA PRO A 91 -3.37 20.77 23.35
C PRO A 91 -4.83 20.43 23.57
N LYS A 92 -5.11 19.58 24.55
CA LYS A 92 -6.48 19.21 24.84
C LYS A 92 -7.35 20.45 25.04
N ALA A 93 -6.77 21.51 25.60
CA ALA A 93 -7.50 22.73 25.88
C ALA A 93 -7.78 23.60 24.63
N ASP A 94 -7.12 23.31 23.51
CA ASP A 94 -7.45 23.94 22.23
C ASP A 94 -7.61 25.46 22.32
N PRO A 95 -6.53 26.15 22.68
CA PRO A 95 -6.58 27.60 22.94
C PRO A 95 -6.94 28.43 21.71
N ALA A 96 -6.70 27.92 20.50
CA ALA A 96 -7.12 28.65 19.30
C ALA A 96 -8.57 28.36 18.93
N LYS A 97 -9.21 27.48 19.69
CA LYS A 97 -10.58 27.09 19.43
C LYS A 97 -10.79 26.63 17.97
N ILE A 98 -9.97 25.70 17.50
CA ILE A 98 -10.13 25.17 16.15
C ILE A 98 -10.99 23.92 16.11
N LYS A 99 -11.22 23.33 17.29
CA LYS A 99 -11.86 22.02 17.44
C LYS A 99 -13.15 21.84 16.61
N ASP A 100 -13.91 22.91 16.43
CA ASP A 100 -15.18 22.79 15.73
C ASP A 100 -15.22 23.57 14.42
N ASP A 101 -14.07 23.81 13.80
CA ASP A 101 -14.04 24.51 12.53
C ASP A 101 -14.50 23.59 11.41
N GLU A 102 -14.86 24.19 10.27
CA GLU A 102 -15.45 23.43 9.18
C GLU A 102 -14.41 22.85 8.22
N SER A 103 -13.44 23.67 7.85
CA SER A 103 -12.40 23.22 6.92
C SER A 103 -11.04 23.31 7.57
N VAL A 104 -10.06 22.64 6.99
CA VAL A 104 -8.71 22.70 7.51
C VAL A 104 -8.11 24.08 7.18
N LEU A 105 -8.62 24.72 6.13
CA LEU A 105 -8.14 26.05 5.81
C LEU A 105 -8.59 27.06 6.89
N ASP A 106 -9.82 26.92 7.39
CA ASP A 106 -10.25 27.70 8.55
C ASP A 106 -9.34 27.44 9.76
N VAL A 107 -8.98 26.18 9.96
CA VAL A 107 -8.09 25.83 11.06
C VAL A 107 -6.74 26.55 10.94
N PHE A 108 -6.11 26.48 9.78
CA PHE A 108 -4.83 27.17 9.58
C PHE A 108 -4.95 28.67 9.80
N LYS A 109 -5.96 29.29 9.21
CA LYS A 109 -6.15 30.73 9.33
C LYS A 109 -6.32 31.14 10.80
N GLU A 110 -7.12 30.36 11.52
CA GLU A 110 -7.42 30.64 12.92
C GLU A 110 -6.16 30.53 13.79
N ILE A 111 -5.38 29.48 13.55
CA ILE A 111 -4.12 29.30 14.27
C ILE A 111 -3.18 30.50 14.04
N ALA A 112 -3.08 30.90 12.78
CA ALA A 112 -2.22 32.04 12.45
C ALA A 112 -2.75 33.33 13.07
N ASN A 113 -4.05 33.59 12.93
CA ASN A 113 -4.60 34.86 13.42
C ASN A 113 -4.61 34.98 14.95
N LYS A 114 -4.63 33.85 15.64
CA LYS A 114 -4.55 33.88 17.09
C LYS A 114 -3.10 33.78 17.56
N ASN A 115 -2.18 33.65 16.60
CA ASN A 115 -0.78 33.45 16.93
C ASN A 115 -0.59 32.33 17.97
N ALA A 116 -1.32 31.24 17.78
CA ALA A 116 -1.12 30.02 18.54
C ALA A 116 0.21 29.38 18.15
N THR A 117 0.72 28.48 18.98
CA THR A 117 1.96 27.81 18.65
C THR A 117 1.72 26.72 17.59
N PHE A 118 2.55 26.72 16.54
CA PHE A 118 2.44 25.73 15.48
C PHE A 118 3.80 25.20 15.09
N ILE A 119 3.96 23.89 15.15
CA ILE A 119 5.25 23.28 14.86
C ILE A 119 5.25 22.72 13.45
N SER A 120 6.15 23.19 12.61
CA SER A 120 6.31 22.63 11.27
C SER A 120 7.56 21.76 11.22
N ARG A 121 7.50 20.67 10.47
CA ARG A 121 8.67 19.83 10.24
C ARG A 121 9.80 20.64 9.56
N GLY A 122 9.43 21.54 8.65
CA GLY A 122 10.40 22.42 8.02
C GLY A 122 11.59 21.68 7.39
N ASP A 123 11.33 20.49 6.88
CA ASP A 123 12.39 19.61 6.39
C ASP A 123 12.18 19.16 4.94
N ASP A 124 11.22 19.78 4.24
CA ASP A 124 10.93 19.49 2.84
C ASP A 124 10.42 18.07 2.56
N SER A 125 9.96 17.39 3.60
CA SER A 125 9.33 16.09 3.48
C SER A 125 7.97 16.23 2.79
N GLY A 126 7.39 15.10 2.41
CA GLY A 126 6.08 15.13 1.80
C GLY A 126 5.08 15.78 2.74
N THR A 127 5.16 15.44 4.01
CA THR A 127 4.32 16.07 5.02
C THR A 127 4.54 17.58 5.07
N HIS A 128 5.80 17.98 5.07
CA HIS A 128 6.12 19.41 5.06
C HIS A 128 5.55 20.12 3.83
N LYS A 129 5.71 19.52 2.64
CA LYS A 129 5.15 20.10 1.43
C LYS A 129 3.63 20.25 1.52
N LYS A 130 2.98 19.24 2.05
CA LYS A 130 1.55 19.31 2.21
C LYS A 130 1.12 20.43 3.17
N GLU A 131 1.88 20.61 4.25
CA GLU A 131 1.55 21.68 5.18
C GLU A 131 1.67 23.03 4.46
N MSE A 132 2.74 23.18 3.67
CA MSE A 132 2.99 24.42 2.93
C MSE A 132 1.92 24.71 1.87
O MSE A 132 1.61 25.87 1.60
CB MSE A 132 4.38 24.41 2.31
CG MSE A 132 5.49 24.20 3.34
SE MSE A 132 5.46 25.46 4.86
CE MSE A 132 3.76 25.11 5.60
N GLY A 133 1.37 23.65 1.29
CA GLY A 133 0.29 23.80 0.35
C GLY A 133 -0.93 24.44 0.98
N PHE A 134 -1.25 24.00 2.20
CA PHE A 134 -2.41 24.56 2.88
C PHE A 134 -2.19 26.02 3.19
N TRP A 135 -1.00 26.37 3.69
CA TRP A 135 -0.71 27.78 3.93
C TRP A 135 -0.90 28.56 2.64
N ALA A 136 -0.37 28.04 1.53
CA ALA A 136 -0.51 28.74 0.25
C ALA A 136 -1.98 28.94 -0.11
N GLN A 137 -2.80 27.92 0.10
CA GLN A 137 -4.24 28.03 -0.17
C GLN A 137 -4.94 29.05 0.72
N THR A 138 -4.47 29.20 1.96
CA THR A 138 -5.08 30.17 2.87
C THR A 138 -4.64 31.58 2.51
N LYS A 139 -3.62 31.66 1.67
CA LYS A 139 -3.02 32.92 1.27
C LYS A 139 -2.28 33.58 2.42
N ILE A 140 -2.10 32.84 3.51
CA ILE A 140 -1.27 33.30 4.61
C ILE A 140 0.14 32.81 4.42
N GLU A 141 1.12 33.65 4.73
CA GLU A 141 2.50 33.20 4.81
C GLU A 141 2.75 32.86 6.26
N PRO A 142 3.32 31.67 6.52
CA PRO A 142 3.50 31.23 7.90
C PRO A 142 4.61 32.04 8.55
N ASN A 143 4.29 33.26 8.96
CA ASN A 143 5.27 34.17 9.53
C ASN A 143 4.95 34.59 10.96
N PHE A 144 3.79 34.17 11.45
CA PHE A 144 3.37 34.58 12.78
C PHE A 144 4.35 34.15 13.86
N GLY A 145 4.39 34.91 14.94
CA GLY A 145 5.27 34.59 16.06
C GLY A 145 5.20 33.14 16.49
N GLY A 146 4.00 32.60 16.67
CA GLY A 146 3.87 31.23 17.14
C GLY A 146 4.43 30.14 16.23
N TYR A 147 4.74 30.50 14.99
CA TYR A 147 5.14 29.51 13.99
C TYR A 147 6.59 29.09 14.13
N ARG A 148 6.81 27.78 14.34
CA ARG A 148 8.16 27.26 14.53
C ARG A 148 8.48 26.10 13.59
N SER A 149 9.49 26.31 12.75
CA SER A 149 9.93 25.35 11.75
C SER A 149 11.20 24.69 12.26
N VAL A 150 11.07 23.48 12.82
CA VAL A 150 12.15 22.88 13.60
C VAL A 150 13.21 22.13 12.79
N GLY A 151 12.88 21.77 11.56
CA GLY A 151 13.79 21.00 10.72
C GLY A 151 14.02 19.57 11.16
N GLN A 152 12.94 18.85 11.47
CA GLN A 152 13.03 17.52 12.07
C GLN A 152 11.94 16.60 11.51
N GLY A 153 12.02 15.31 11.82
CA GLY A 153 11.01 14.38 11.37
C GLY A 153 9.68 14.50 12.09
N MSE A 154 8.76 13.62 11.75
CA MSE A 154 7.40 13.67 12.28
C MSE A 154 7.37 13.46 13.81
O MSE A 154 6.72 14.20 14.54
CB MSE A 154 6.52 12.63 11.58
CG MSE A 154 5.02 12.80 11.81
SE MSE A 154 4.41 14.47 11.02
CE MSE A 154 4.12 15.53 12.64
N GLY A 155 8.07 12.42 14.27
CA GLY A 155 8.11 12.11 15.70
C GLY A 155 8.65 13.27 16.55
N PRO A 156 9.85 13.76 16.24
CA PRO A 156 10.43 14.90 16.98
C PRO A 156 9.52 16.13 16.88
N THR A 157 8.90 16.34 15.73
CA THR A 157 7.92 17.42 15.58
C THR A 157 6.76 17.26 16.56
N LEU A 158 6.20 16.06 16.66
CA LEU A 158 5.19 15.78 17.70
C LEU A 158 5.71 16.07 19.13
N ASN A 159 6.91 15.57 19.45
CA ASN A 159 7.50 15.80 20.76
C ASN A 159 7.62 17.28 21.05
N MSE A 160 8.00 18.04 20.02
CA MSE A 160 8.11 19.49 20.16
C MSE A 160 6.73 20.11 20.42
O MSE A 160 6.58 20.96 21.30
CB MSE A 160 8.77 20.10 18.92
CG MSE A 160 9.19 21.57 19.10
SE MSE A 160 10.55 21.79 20.53
CE MSE A 160 11.84 20.56 19.80
N ALA A 161 5.73 19.68 19.67
CA ALA A 161 4.39 20.22 19.84
C ALA A 161 3.85 19.93 21.25
N SER A 162 4.17 18.76 21.79
CA SER A 162 3.75 18.40 23.14
C SER A 162 4.50 19.25 24.18
N GLU A 163 5.80 19.41 23.98
CA GLU A 163 6.60 20.21 24.91
C GLU A 163 6.10 21.66 24.98
N MSE A 164 5.83 22.24 23.81
CA MSE A 164 5.43 23.63 23.75
C MSE A 164 3.93 23.84 23.79
O MSE A 164 3.45 24.96 23.71
CB MSE A 164 6.05 24.30 22.52
CG MSE A 164 7.54 24.34 22.59
SE MSE A 164 8.27 25.30 21.09
CE MSE A 164 7.49 27.04 21.49
N GLN A 165 3.19 22.74 23.94
CA GLN A 165 1.72 22.79 23.87
C GLN A 165 1.26 23.55 22.63
N GLY A 166 1.66 23.07 21.46
CA GLY A 166 1.24 23.70 20.23
C GLY A 166 0.52 22.75 19.28
N TYR A 167 0.09 23.30 18.15
CA TYR A 167 -0.59 22.53 17.12
C TYR A 167 0.42 22.02 16.10
N THR A 168 0.09 20.91 15.46
CA THR A 168 0.83 20.47 14.28
C THR A 168 -0.08 19.59 13.39
N MSE A 169 0.34 19.40 12.14
CA MSE A 169 -0.31 18.42 11.27
C MSE A 169 0.53 17.16 11.20
O MSE A 169 1.72 17.21 10.87
CB MSE A 169 -0.49 18.98 9.86
CG MSE A 169 -1.27 18.03 8.95
SE MSE A 169 -1.43 18.79 7.17
CE MSE A 169 0.33 18.33 6.46
N SER A 170 -0.07 16.02 11.50
CA SER A 170 0.65 14.75 11.51
C SER A 170 -0.02 13.72 10.64
N ASP A 171 0.74 12.77 10.09
CA ASP A 171 0.09 11.61 9.50
C ASP A 171 -0.49 10.85 10.67
N ARG A 172 -1.62 10.17 10.48
CA ARG A 172 -2.24 9.46 11.59
C ARG A 172 -1.33 8.37 12.20
N GLY A 173 -0.56 7.70 11.35
CA GLY A 173 0.33 6.65 11.84
C GLY A 173 1.31 7.09 12.93
N THR A 174 1.98 8.21 12.69
CA THR A 174 2.99 8.63 13.65
C THR A 174 2.28 9.06 14.91
N TRP A 175 1.14 9.71 14.74
CA TRP A 175 0.30 10.13 15.88
C TRP A 175 -0.05 8.95 16.78
N LEU A 176 -0.49 7.84 16.19
CA LEU A 176 -0.94 6.69 16.98
C LEU A 176 0.22 6.04 17.74
N ALA A 177 1.38 5.97 17.09
CA ALA A 177 2.56 5.38 17.74
C ALA A 177 3.07 6.23 18.89
N TYR A 178 2.87 7.55 18.81
CA TYR A 178 3.41 8.47 19.80
C TYR A 178 2.41 8.95 20.88
N GLN A 179 1.12 8.76 20.66
CA GLN A 179 0.12 9.42 21.50
C GLN A 179 0.31 9.10 22.99
N ASN A 180 0.80 7.91 23.29
CA ASN A 180 0.98 7.50 24.68
C ASN A 180 1.92 8.42 25.47
N LYS A 181 2.79 9.14 24.76
CA LYS A 181 3.73 10.04 25.42
C LYS A 181 3.54 11.51 25.02
N LEU A 182 2.42 11.83 24.36
CA LEU A 182 2.15 13.21 23.98
C LEU A 182 1.01 13.80 24.82
N ASP A 183 1.18 15.03 25.27
CA ASP A 183 0.10 15.73 25.96
C ASP A 183 -0.69 16.51 24.93
N LEU A 184 -1.25 15.79 23.96
CA LEU A 184 -1.97 16.39 22.85
C LEU A 184 -3.14 15.45 22.53
N GLU A 185 -4.06 15.94 21.71
CA GLU A 185 -5.17 15.15 21.17
C GLU A 185 -5.33 15.48 19.70
N ILE A 186 -6.04 14.63 18.98
CA ILE A 186 -6.54 14.99 17.66
C ILE A 186 -7.64 16.03 17.83
N LEU A 187 -7.48 17.20 17.21
CA LEU A 187 -8.45 18.26 17.42
C LEU A 187 -9.27 18.51 16.17
N PHE A 188 -8.74 18.12 15.02
CA PHE A 188 -9.49 18.30 13.78
C PHE A 188 -9.10 17.28 12.72
N GLN A 189 -10.09 16.67 12.09
CA GLN A 189 -9.84 15.68 11.04
C GLN A 189 -10.98 15.60 10.03
N GLY A 190 -11.95 16.49 10.15
CA GLY A 190 -13.08 16.49 9.24
C GLY A 190 -12.92 17.33 7.98
N ASP A 191 -12.05 16.87 7.07
CA ASP A 191 -11.82 17.60 5.82
C ASP A 191 -11.24 16.65 4.77
N GLU A 192 -11.88 16.61 3.60
CA GLU A 192 -11.49 15.70 2.55
C GLU A 192 -10.11 16.01 1.99
N LYS A 193 -9.62 17.20 2.27
CA LYS A 193 -8.25 17.54 1.89
C LYS A 193 -7.23 16.75 2.72
N LEU A 194 -7.66 16.24 3.87
CA LEU A 194 -6.76 15.56 4.80
C LEU A 194 -6.61 14.07 4.49
N PHE A 195 -7.48 13.56 3.63
CA PHE A 195 -7.45 12.14 3.28
C PHE A 195 -7.39 11.95 1.76
N ASN A 196 -6.28 11.44 1.28
CA ASN A 196 -6.07 11.28 -0.15
C ASN A 196 -5.58 9.89 -0.54
N PRO A 197 -6.50 9.07 -1.06
CA PRO A 197 -6.15 7.80 -1.69
C PRO A 197 -5.54 8.07 -3.08
N TYR A 198 -4.38 7.50 -3.36
CA TYR A 198 -3.73 7.64 -4.65
C TYR A 198 -3.93 6.41 -5.51
N GLN A 199 -4.24 6.61 -6.78
CA GLN A 199 -4.27 5.50 -7.72
C GLN A 199 -3.35 5.73 -8.90
N VAL A 200 -2.79 4.63 -9.38
CA VAL A 200 -2.07 4.63 -10.64
C VAL A 200 -2.89 3.75 -11.57
N ILE A 201 -3.18 4.28 -12.76
CA ILE A 201 -4.03 3.58 -13.71
C ILE A 201 -3.44 3.61 -15.11
N LEU A 202 -3.40 2.44 -15.73
CA LEU A 202 -2.82 2.29 -17.06
C LEU A 202 -3.79 2.76 -18.14
N VAL A 203 -3.26 3.43 -19.16
CA VAL A 203 -4.09 3.75 -20.31
C VAL A 203 -4.46 2.45 -21.03
N ASN A 204 -5.73 2.32 -21.38
CA ASN A 204 -6.24 1.09 -21.97
C ASN A 204 -5.56 0.76 -23.32
N PRO A 205 -4.78 -0.33 -23.37
CA PRO A 205 -4.05 -0.62 -24.62
C PRO A 205 -4.97 -1.02 -25.75
N GLU A 206 -6.20 -1.39 -25.40
CA GLU A 206 -7.24 -1.65 -26.38
C GLU A 206 -7.58 -0.37 -27.11
N ARG A 207 -7.67 0.73 -26.34
CA ARG A 207 -7.95 2.03 -26.93
C ARG A 207 -6.73 2.55 -27.67
N TYR A 208 -5.53 2.23 -27.17
CA TYR A 208 -4.30 2.74 -27.75
C TYR A 208 -3.23 1.68 -27.85
N PRO A 209 -3.28 0.89 -28.93
CA PRO A 209 -2.28 -0.16 -29.17
C PRO A 209 -0.92 0.48 -29.41
N THR A 210 -0.90 1.80 -29.53
CA THR A 210 0.32 2.54 -29.80
C THR A 210 1.09 2.92 -28.53
N ILE A 211 0.40 3.00 -27.40
CA ILE A 211 1.08 3.44 -26.17
C ILE A 211 2.00 2.36 -25.59
N ASN A 212 2.87 2.79 -24.66
CA ASN A 212 3.85 1.90 -24.09
C ASN A 212 3.27 1.16 -22.87
N TYR A 213 2.45 0.16 -23.16
CA TYR A 213 1.75 -0.58 -22.12
C TYR A 213 2.73 -1.43 -21.31
N GLN A 214 3.73 -1.98 -22.00
CA GLN A 214 4.71 -2.83 -21.35
C GLN A 214 5.48 -2.04 -20.30
N GLY A 215 5.96 -0.86 -20.67
CA GLY A 215 6.68 -0.02 -19.75
C GLY A 215 5.78 0.51 -18.64
N ALA A 216 4.55 0.89 -18.99
CA ALA A 216 3.60 1.41 -17.99
C ALA A 216 3.21 0.32 -16.98
N LYS A 217 2.94 -0.87 -17.46
CA LYS A 217 2.64 -1.95 -16.53
C LYS A 217 3.85 -2.33 -15.65
N ALA A 218 5.06 -2.29 -16.20
CA ALA A 218 6.23 -2.53 -15.37
C ALA A 218 6.33 -1.49 -14.23
N PHE A 219 6.04 -0.24 -14.52
CA PHE A 219 6.14 0.82 -13.52
C PHE A 219 5.09 0.59 -12.44
N SER A 220 3.87 0.27 -12.87
CA SER A 220 2.78 0.02 -11.93
C SER A 220 3.09 -1.19 -11.07
N ASP A 221 3.49 -2.30 -11.69
CA ASP A 221 3.88 -3.52 -10.97
C ASP A 221 4.98 -3.18 -9.94
N TRP A 222 5.99 -2.43 -10.39
CA TRP A 222 7.08 -2.07 -9.48
C TRP A 222 6.55 -1.22 -8.31
N LEU A 223 5.69 -0.26 -8.60
CA LEU A 223 5.16 0.64 -7.56
C LEU A 223 4.40 -0.08 -6.45
N VAL A 224 3.70 -1.16 -6.80
CA VAL A 224 2.91 -1.89 -5.79
C VAL A 224 3.64 -3.10 -5.20
N ASN A 225 4.80 -3.44 -5.73
CA ASN A 225 5.56 -4.51 -5.13
C ASN A 225 6.46 -3.95 -4.03
N PRO A 226 6.93 -4.81 -3.12
CA PRO A 226 7.62 -4.30 -1.94
C PRO A 226 8.78 -3.34 -2.22
N ARG A 227 9.51 -3.53 -3.31
CA ARG A 227 10.59 -2.58 -3.63
C ARG A 227 10.09 -1.14 -3.76
N GLY A 228 9.02 -0.95 -4.53
CA GLY A 228 8.48 0.37 -4.75
C GLY A 228 7.84 0.90 -3.48
N GLN A 229 7.13 0.01 -2.79
CA GLN A 229 6.45 0.36 -1.55
C GLN A 229 7.42 0.84 -0.48
N GLU A 230 8.58 0.20 -0.40
CA GLU A 230 9.61 0.64 0.55
C GLU A 230 9.94 2.12 0.33
N LEU A 231 10.09 2.50 -0.94
CA LEU A 231 10.44 3.88 -1.26
C LEU A 231 9.28 4.85 -1.03
N ILE A 232 8.07 4.44 -1.40
CA ILE A 232 6.87 5.23 -1.14
C ILE A 232 6.70 5.49 0.36
N ASN A 233 6.85 4.43 1.15
CA ASN A 233 6.74 4.57 2.59
C ASN A 233 7.83 5.46 3.14
N GLY A 234 9.06 5.24 2.67
CA GLY A 234 10.18 6.08 3.08
C GLY A 234 9.82 7.54 2.89
N PHE A 235 9.19 7.86 1.76
CA PHE A 235 8.79 9.22 1.47
C PHE A 235 7.68 9.71 2.42
N ARG A 236 6.79 8.82 2.83
CA ARG A 236 5.63 9.22 3.67
C ARG A 236 6.01 9.41 5.14
N LEU A 237 7.10 8.79 5.56
CA LEU A 237 7.44 8.82 6.98
C LEU A 237 7.60 10.27 7.45
N GLU B 5 -13.00 -3.89 24.66
CA GLU B 5 -11.78 -3.45 23.98
C GLU B 5 -11.41 -4.36 22.81
N HIS B 6 -12.28 -5.34 22.51
CA HIS B 6 -11.93 -6.42 21.58
C HIS B 6 -12.49 -6.27 20.15
N VAL B 7 -11.59 -6.16 19.18
CA VAL B 7 -11.99 -6.05 17.79
C VAL B 7 -11.91 -7.44 17.16
N ARG B 8 -12.98 -7.87 16.51
CA ARG B 8 -13.02 -9.20 15.87
C ARG B 8 -12.79 -9.05 14.37
N LEU B 9 -11.78 -9.75 13.88
CA LEU B 9 -11.40 -9.71 12.46
C LEU B 9 -11.61 -11.08 11.86
N ALA B 10 -12.30 -11.13 10.72
CA ALA B 10 -12.38 -12.36 9.93
C ALA B 10 -11.37 -12.28 8.78
N THR B 11 -10.62 -13.35 8.58
CA THR B 11 -9.69 -13.38 7.46
C THR B 11 -9.60 -14.79 6.88
N THR B 12 -8.73 -14.99 5.90
CA THR B 12 -8.67 -16.28 5.22
C THR B 12 -7.66 -17.19 5.89
N THR B 13 -7.83 -18.48 5.68
CA THR B 13 -6.91 -19.49 6.20
C THR B 13 -5.45 -19.23 5.84
N SER B 14 -5.20 -18.94 4.56
CA SER B 14 -3.83 -18.65 4.12
C SER B 14 -3.25 -17.42 4.82
N THR B 15 -4.06 -16.38 4.99
CA THR B 15 -3.58 -15.19 5.68
C THR B 15 -3.21 -15.54 7.11
N TYR B 16 -4.11 -16.26 7.78
CA TYR B 16 -3.87 -16.69 9.14
C TYR B 16 -2.56 -17.44 9.23
N HIS B 17 -2.38 -18.43 8.38
CA HIS B 17 -1.21 -19.31 8.47
C HIS B 17 0.10 -18.68 8.01
N SER B 18 0.00 -17.57 7.28
CA SER B 18 1.20 -16.86 6.84
C SER B 18 1.93 -16.23 8.02
N GLY B 19 1.19 -15.93 9.09
CA GLY B 19 1.79 -15.28 10.25
C GLY B 19 1.85 -13.76 10.11
N LEU B 20 1.33 -13.23 9.02
CA LEU B 20 1.36 -11.77 8.81
C LEU B 20 0.89 -11.02 10.07
N LEU B 21 -0.21 -11.49 10.66
CA LEU B 21 -0.84 -10.79 11.77
C LEU B 21 0.00 -10.79 13.06
N ASP B 22 0.86 -11.80 13.23
CA ASP B 22 1.76 -11.83 14.38
C ASP B 22 2.80 -10.72 14.28
N TYR B 23 3.10 -10.29 13.06
CA TYR B 23 3.99 -9.15 12.87
C TYR B 23 3.27 -7.83 13.09
N LEU B 24 1.94 -7.83 13.11
CA LEU B 24 1.21 -6.57 13.16
C LEU B 24 0.49 -6.28 14.49
N LEU B 25 -0.26 -7.27 14.98
CA LEU B 25 -1.19 -7.03 16.08
C LEU B 25 -0.52 -6.53 17.37
N PRO B 26 0.67 -7.05 17.69
CA PRO B 26 1.32 -6.54 18.91
C PRO B 26 1.67 -5.04 18.81
N GLN B 27 2.08 -4.59 17.62
CA GLN B 27 2.36 -3.16 17.43
C GLN B 27 1.09 -2.32 17.43
N PHE B 28 0.04 -2.84 16.79
CA PHE B 28 -1.25 -2.17 16.77
C PHE B 28 -1.76 -2.03 18.20
N GLU B 29 -1.67 -3.11 18.97
CA GLU B 29 -2.11 -3.06 20.36
C GLU B 29 -1.26 -2.08 21.17
N LYS B 30 0.05 -2.14 20.97
CA LYS B 30 0.95 -1.23 21.68
C LYS B 30 0.57 0.22 21.40
N ASP B 31 0.32 0.55 20.14
CA ASP B 31 0.00 1.91 19.71
C ASP B 31 -1.36 2.39 20.22
N THR B 32 -2.38 1.54 20.08
CA THR B 32 -3.74 2.01 20.28
C THR B 32 -4.44 1.46 21.52
N GLY B 33 -3.91 0.39 22.08
CA GLY B 33 -4.61 -0.30 23.15
C GLY B 33 -5.67 -1.30 22.72
N TYR B 34 -6.06 -1.31 21.45
CA TYR B 34 -7.06 -2.30 21.01
C TYR B 34 -6.49 -3.70 20.87
N LYS B 35 -7.28 -4.70 21.29
CA LYS B 35 -6.97 -6.12 21.08
C LYS B 35 -7.77 -6.70 19.93
N VAL B 36 -7.10 -7.33 18.97
CA VAL B 36 -7.79 -7.91 17.84
C VAL B 36 -7.86 -9.43 17.98
N ASP B 37 -9.07 -9.97 17.93
CA ASP B 37 -9.30 -11.42 17.91
C ASP B 37 -9.50 -11.87 16.46
N VAL B 38 -8.73 -12.86 16.01
CA VAL B 38 -8.77 -13.26 14.62
C VAL B 38 -9.47 -14.60 14.43
N ILE B 39 -10.42 -14.66 13.49
CA ILE B 39 -11.03 -15.93 13.09
C ILE B 39 -10.71 -16.15 11.61
N ALA B 40 -10.24 -17.34 11.25
CA ALA B 40 -9.94 -17.61 9.85
C ALA B 40 -10.81 -18.70 9.25
N ALA B 41 -11.15 -18.52 7.97
CA ALA B 41 -11.91 -19.53 7.21
C ALA B 41 -11.73 -19.26 5.71
N GLY B 42 -12.55 -19.92 4.89
CA GLY B 42 -12.51 -19.65 3.45
C GLY B 42 -13.04 -18.25 3.18
N THR B 43 -12.79 -17.74 1.99
CA THR B 43 -13.23 -16.40 1.62
C THR B 43 -14.72 -16.17 1.81
N GLY B 44 -15.54 -17.08 1.28
CA GLY B 44 -16.98 -16.98 1.40
C GLY B 44 -17.41 -16.86 2.86
N LYS B 45 -16.88 -17.72 3.71
CA LYS B 45 -17.24 -17.74 5.13
C LYS B 45 -16.69 -16.50 5.85
N ALA B 46 -15.44 -16.12 5.55
CA ALA B 46 -14.89 -14.88 6.10
C ALA B 46 -15.82 -13.70 5.82
N LEU B 47 -16.23 -13.52 4.57
CA LEU B 47 -17.15 -12.44 4.27
C LEU B 47 -18.54 -12.68 4.90
N LYS B 48 -18.97 -13.94 4.95
CA LYS B 48 -20.27 -14.24 5.56
C LYS B 48 -20.30 -13.79 7.03
N MSE B 49 -19.20 -14.03 7.73
CA MSE B 49 -19.09 -13.53 9.10
C MSE B 49 -19.27 -12.01 9.22
O MSE B 49 -19.94 -11.53 10.15
CB MSE B 49 -17.75 -13.96 9.69
CG MSE B 49 -17.76 -15.45 10.09
SE MSE B 49 -16.14 -15.83 11.10
CE MSE B 49 -14.90 -16.33 9.69
N GLY B 50 -18.71 -11.25 8.27
CA GLY B 50 -18.93 -9.81 8.19
C GLY B 50 -20.39 -9.49 7.90
N GLU B 51 -20.94 -10.17 6.91
CA GLU B 51 -22.34 -10.01 6.56
C GLU B 51 -23.27 -10.23 7.75
N ASN B 52 -22.99 -11.26 8.54
CA ASN B 52 -23.78 -11.58 9.74
C ASN B 52 -23.50 -10.68 10.96
N GLY B 53 -22.51 -9.81 10.86
CA GLY B 53 -22.13 -8.97 11.99
C GLY B 53 -21.45 -9.73 13.12
N ASP B 54 -20.93 -10.93 12.81
CA ASP B 54 -20.20 -11.71 13.80
C ASP B 54 -18.82 -11.10 14.11
N VAL B 55 -18.22 -10.43 13.12
CA VAL B 55 -16.93 -9.77 13.31
C VAL B 55 -17.11 -8.29 13.02
N ASP B 56 -16.11 -7.47 13.32
CA ASP B 56 -16.18 -6.02 13.12
C ASP B 56 -15.58 -5.54 11.79
N LEU B 57 -14.70 -6.36 11.21
CA LEU B 57 -14.13 -6.09 9.90
C LEU B 57 -13.55 -7.35 9.31
N VAL B 58 -13.29 -7.33 8.00
CA VAL B 58 -12.80 -8.50 7.28
C VAL B 58 -11.55 -8.14 6.50
N MSE B 59 -10.70 -9.13 6.27
CA MSE B 59 -9.51 -8.94 5.47
C MSE B 59 -9.42 -10.14 4.54
O MSE B 59 -9.19 -11.27 4.99
CB MSE B 59 -8.29 -8.83 6.38
CG MSE B 59 -6.94 -8.80 5.64
SE MSE B 59 -5.38 -8.81 6.89
CE MSE B 59 -5.90 -7.24 7.93
N THR B 60 -9.65 -9.91 3.25
CA THR B 60 -9.64 -10.99 2.28
C THR B 60 -8.88 -10.54 1.04
N HIS B 61 -8.84 -11.39 0.02
CA HIS B 61 -8.10 -11.09 -1.20
C HIS B 61 -8.84 -11.72 -2.36
N ALA B 62 -10.07 -11.25 -2.53
CA ALA B 62 -10.98 -11.74 -3.55
C ALA B 62 -11.76 -10.53 -4.05
N PRO B 63 -11.16 -9.80 -5.02
CA PRO B 63 -11.71 -8.52 -5.49
C PRO B 63 -13.20 -8.59 -5.90
N LYS B 64 -13.60 -9.61 -6.65
CA LYS B 64 -14.99 -9.72 -7.13
C LYS B 64 -15.98 -9.91 -5.97
N ALA B 65 -15.67 -10.83 -5.08
CA ALA B 65 -16.55 -11.10 -3.95
C ALA B 65 -16.62 -9.88 -3.05
N GLU B 66 -15.49 -9.20 -2.86
CA GLU B 66 -15.43 -8.00 -2.03
C GLU B 66 -16.23 -6.86 -2.65
N GLY B 67 -16.20 -6.75 -3.98
CA GLY B 67 -16.97 -5.73 -4.68
C GLY B 67 -18.46 -5.92 -4.38
N THR B 68 -18.92 -7.16 -4.40
CA THR B 68 -20.32 -7.45 -4.13
C THR B 68 -20.69 -7.11 -2.67
N PHE B 69 -19.81 -7.51 -1.76
CA PHE B 69 -19.94 -7.25 -0.32
C PHE B 69 -20.10 -5.75 -0.04
N VAL B 70 -19.29 -4.94 -0.70
CA VAL B 70 -19.37 -3.49 -0.57
C VAL B 70 -20.63 -2.96 -1.26
N GLU B 71 -20.90 -3.43 -2.46
CA GLU B 71 -22.05 -2.93 -3.22
C GLU B 71 -23.35 -3.15 -2.45
N LYS B 72 -23.50 -4.31 -1.83
CA LYS B 72 -24.70 -4.66 -1.08
C LYS B 72 -24.77 -3.96 0.28
N GLY B 73 -23.71 -3.24 0.63
CA GLY B 73 -23.71 -2.46 1.86
C GLY B 73 -23.31 -3.25 3.10
N TYR B 74 -22.73 -4.44 2.90
CA TYR B 74 -22.38 -5.29 4.04
C TYR B 74 -21.10 -4.74 4.68
N GLY B 75 -20.24 -4.17 3.84
CA GLY B 75 -19.00 -3.56 4.29
C GLY B 75 -18.90 -2.13 3.77
N VAL B 76 -18.17 -1.30 4.51
CA VAL B 76 -17.91 0.07 4.10
C VAL B 76 -16.41 0.37 4.24
N LEU B 77 -15.99 1.54 3.72
CA LEU B 77 -14.58 1.96 3.73
C LEU B 77 -13.58 0.89 3.32
N PRO B 78 -13.85 0.24 2.17
CA PRO B 78 -12.88 -0.75 1.69
C PRO B 78 -11.54 -0.09 1.42
N ARG B 79 -10.43 -0.74 1.77
CA ARG B 79 -9.11 -0.23 1.42
C ARG B 79 -8.19 -1.34 0.96
N LYS B 80 -7.43 -1.06 -0.09
CA LYS B 80 -6.45 -2.05 -0.58
C LYS B 80 -5.23 -1.93 0.32
N LEU B 81 -4.83 -3.08 0.85
CA LEU B 81 -3.83 -3.13 1.90
C LEU B 81 -2.46 -3.45 1.33
N MSE B 82 -2.43 -4.31 0.30
CA MSE B 82 -1.20 -4.75 -0.34
C MSE B 82 -1.54 -5.57 -1.58
O MSE B 82 -2.58 -6.23 -1.64
CB MSE B 82 -0.36 -5.59 0.62
CG MSE B 82 -0.96 -6.93 0.98
SE MSE B 82 0.12 -7.89 2.32
CE MSE B 82 -0.84 -7.33 3.87
N TYR B 83 -0.67 -5.49 -2.59
CA TYR B 83 -0.84 -6.24 -3.84
C TYR B 83 0.21 -7.36 -3.93
N ASN B 84 -0.26 -8.60 -4.00
CA ASN B 84 0.65 -9.74 -4.18
C ASN B 84 0.65 -10.11 -5.64
N ASP B 85 1.83 -10.29 -6.22
CA ASP B 85 1.93 -10.68 -7.62
C ASP B 85 3.16 -11.56 -7.81
N PHE B 86 2.93 -12.86 -8.00
CA PHE B 86 4.02 -13.84 -8.00
C PHE B 86 4.12 -14.55 -9.33
N VAL B 87 5.34 -14.89 -9.72
CA VAL B 87 5.54 -15.61 -10.96
C VAL B 87 6.42 -16.82 -10.69
N ILE B 88 6.28 -17.85 -11.51
CA ILE B 88 7.20 -18.96 -11.46
C ILE B 88 8.21 -18.80 -12.58
N VAL B 89 9.49 -18.75 -12.23
CA VAL B 89 10.54 -18.55 -13.23
C VAL B 89 11.46 -19.75 -13.25
N GLY B 90 12.09 -19.97 -14.41
CA GLY B 90 13.03 -21.06 -14.56
C GLY B 90 13.76 -20.95 -15.87
N PRO B 91 14.57 -21.96 -16.19
CA PRO B 91 15.37 -21.94 -17.42
C PRO B 91 14.47 -21.92 -18.65
N LYS B 92 14.91 -21.28 -19.71
CA LYS B 92 14.14 -21.29 -20.95
C LYS B 92 13.85 -22.74 -21.38
N ALA B 93 14.85 -23.61 -21.28
CA ALA B 93 14.67 -24.99 -21.67
C ALA B 93 13.53 -25.71 -20.92
N ASP B 94 13.06 -25.14 -19.80
CA ASP B 94 11.99 -25.74 -18.96
C ASP B 94 12.00 -27.27 -18.89
N PRO B 95 13.08 -27.86 -18.36
CA PRO B 95 13.32 -29.31 -18.42
C PRO B 95 12.27 -30.11 -17.64
N ALA B 96 11.70 -29.51 -16.60
CA ALA B 96 10.65 -30.17 -15.83
C ALA B 96 9.29 -30.03 -16.50
N LYS B 97 9.24 -29.26 -17.58
CA LYS B 97 8.04 -29.16 -18.41
C LYS B 97 6.83 -28.64 -17.64
N ILE B 98 7.01 -27.56 -16.87
CA ILE B 98 5.89 -26.99 -16.12
C ILE B 98 5.18 -25.89 -16.90
N LYS B 99 5.83 -25.43 -17.97
CA LYS B 99 5.39 -24.24 -18.70
C LYS B 99 3.91 -24.30 -19.04
N ASP B 100 3.44 -25.48 -19.40
CA ASP B 100 2.07 -25.60 -19.85
C ASP B 100 1.12 -26.24 -18.84
N ASP B 101 1.56 -26.37 -17.59
CA ASP B 101 0.66 -26.85 -16.55
C ASP B 101 -0.51 -25.87 -16.35
N GLU B 102 -1.54 -26.31 -15.65
CA GLU B 102 -2.77 -25.52 -15.51
C GLU B 102 -2.80 -24.74 -14.22
N SER B 103 -2.30 -25.36 -13.16
CA SER B 103 -2.42 -24.84 -11.82
C SER B 103 -1.03 -24.64 -11.23
N VAL B 104 -0.86 -23.62 -10.40
CA VAL B 104 0.39 -23.50 -9.67
C VAL B 104 0.59 -24.71 -8.75
N LEU B 105 -0.50 -25.31 -8.28
CA LEU B 105 -0.37 -26.54 -7.49
C LEU B 105 0.22 -27.68 -8.34
N ASP B 106 -0.19 -27.78 -9.61
CA ASP B 106 0.36 -28.78 -10.52
C ASP B 106 1.86 -28.57 -10.70
N VAL B 107 2.24 -27.30 -10.86
CA VAL B 107 3.63 -26.93 -11.04
C VAL B 107 4.44 -27.44 -9.88
N PHE B 108 3.99 -27.11 -8.68
CA PHE B 108 4.69 -27.54 -7.47
C PHE B 108 4.79 -29.06 -7.40
N LYS B 109 3.68 -29.74 -7.67
CA LYS B 109 3.67 -31.20 -7.59
C LYS B 109 4.64 -31.76 -8.63
N GLU B 110 4.64 -31.17 -9.82
CA GLU B 110 5.54 -31.67 -10.86
C GLU B 110 7.03 -31.47 -10.53
N ILE B 111 7.36 -30.34 -9.92
CA ILE B 111 8.75 -30.06 -9.56
C ILE B 111 9.24 -31.05 -8.51
N ALA B 112 8.40 -31.31 -7.52
CA ALA B 112 8.76 -32.26 -6.47
C ALA B 112 8.90 -33.67 -7.04
N ASN B 113 7.96 -34.07 -7.90
CA ASN B 113 7.94 -35.44 -8.43
C ASN B 113 9.17 -35.73 -9.29
N LYS B 114 9.63 -34.73 -10.03
CA LYS B 114 10.79 -34.90 -10.86
C LYS B 114 12.06 -34.59 -10.12
N ASN B 115 11.93 -34.21 -8.85
CA ASN B 115 13.07 -33.79 -8.05
C ASN B 115 13.84 -32.67 -8.77
N ALA B 116 13.11 -31.74 -9.39
CA ALA B 116 13.77 -30.61 -10.06
C ALA B 116 14.41 -29.68 -9.05
N THR B 117 15.38 -28.91 -9.53
CA THR B 117 16.06 -27.91 -8.71
C THR B 117 15.11 -26.75 -8.43
N PHE B 118 14.86 -26.47 -7.16
CA PHE B 118 13.94 -25.41 -6.77
C PHE B 118 14.53 -24.62 -5.61
N ILE B 119 14.62 -23.30 -5.78
CA ILE B 119 15.26 -22.47 -4.78
C ILE B 119 14.22 -21.75 -3.93
N SER B 120 14.16 -22.09 -2.65
CA SER B 120 13.26 -21.39 -1.72
C SER B 120 14.00 -20.28 -0.99
N ARG B 121 13.30 -19.20 -0.65
CA ARG B 121 13.90 -18.14 0.18
C ARG B 121 14.36 -18.72 1.51
N GLY B 122 13.52 -19.59 2.07
CA GLY B 122 13.85 -20.29 3.31
C GLY B 122 14.11 -19.38 4.50
N ASP B 123 13.57 -18.16 4.47
CA ASP B 123 13.86 -17.16 5.51
C ASP B 123 12.62 -16.67 6.29
N ASP B 124 11.50 -17.39 6.16
CA ASP B 124 10.27 -17.04 6.88
C ASP B 124 9.69 -15.67 6.53
N SER B 125 10.14 -15.10 5.40
CA SER B 125 9.52 -13.90 4.85
C SER B 125 8.13 -14.21 4.27
N GLY B 126 7.41 -13.18 3.84
CA GLY B 126 6.10 -13.36 3.25
C GLY B 126 6.13 -14.26 2.01
N THR B 127 7.11 -14.04 1.13
CA THR B 127 7.24 -14.87 -0.05
C THR B 127 7.38 -16.35 0.34
N HIS B 128 8.32 -16.63 1.23
CA HIS B 128 8.56 -17.98 1.72
C HIS B 128 7.26 -18.58 2.27
N LYS B 129 6.55 -17.81 3.08
CA LYS B 129 5.33 -18.29 3.72
C LYS B 129 4.28 -18.59 2.67
N LYS B 130 4.25 -17.75 1.64
CA LYS B 130 3.37 -17.97 0.51
C LYS B 130 3.74 -19.30 -0.18
N GLU B 131 5.03 -19.48 -0.43
CA GLU B 131 5.49 -20.73 -1.00
C GLU B 131 5.10 -21.94 -0.15
N MSE B 132 5.39 -21.87 1.14
CA MSE B 132 5.10 -22.97 2.06
C MSE B 132 3.60 -23.28 2.07
O MSE B 132 3.20 -24.44 2.22
CB MSE B 132 5.61 -22.64 3.46
CG MSE B 132 7.11 -22.46 3.53
SE MSE B 132 8.06 -23.84 2.49
CE MSE B 132 7.50 -25.45 3.51
N GLY B 133 2.78 -22.26 1.89
CA GLY B 133 1.34 -22.45 1.82
C GLY B 133 0.96 -23.29 0.62
N PHE B 134 1.68 -23.11 -0.50
CA PHE B 134 1.44 -23.90 -1.69
C PHE B 134 1.77 -25.38 -1.49
N TRP B 135 2.94 -25.65 -0.91
CA TRP B 135 3.31 -27.01 -0.55
C TRP B 135 2.22 -27.68 0.29
N ALA B 136 1.71 -26.94 1.26
CA ALA B 136 0.71 -27.48 2.18
C ALA B 136 -0.52 -27.89 1.40
N GLN B 137 -0.93 -27.07 0.44
CA GLN B 137 -2.10 -27.37 -0.39
C GLN B 137 -1.86 -28.57 -1.31
N THR B 138 -0.61 -28.84 -1.65
CA THR B 138 -0.29 -30.00 -2.49
C THR B 138 -0.12 -31.23 -1.62
N LYS B 139 -0.09 -31.02 -0.30
CA LYS B 139 0.10 -32.11 0.65
C LYS B 139 1.48 -32.75 0.51
N ILE B 140 2.46 -31.93 0.12
CA ILE B 140 3.84 -32.38 0.00
C ILE B 140 4.71 -31.59 0.95
N GLU B 141 5.57 -32.29 1.67
CA GLU B 141 6.66 -31.66 2.41
C GLU B 141 7.84 -31.64 1.45
N PRO B 142 8.36 -30.44 1.15
CA PRO B 142 9.46 -30.40 0.17
C PRO B 142 10.77 -30.84 0.82
N ASN B 143 11.03 -32.13 0.72
CA ASN B 143 12.25 -32.74 1.21
C ASN B 143 13.02 -33.41 0.09
N PHE B 144 12.57 -33.23 -1.15
CA PHE B 144 13.33 -33.80 -2.26
C PHE B 144 14.67 -33.09 -2.35
N GLY B 145 15.69 -33.78 -2.83
CA GLY B 145 17.04 -33.25 -2.83
C GLY B 145 17.28 -32.05 -3.75
N GLY B 146 16.44 -31.89 -4.76
CA GLY B 146 16.51 -30.69 -5.60
C GLY B 146 16.04 -29.41 -4.90
N TYR B 147 15.36 -29.56 -3.78
CA TYR B 147 14.87 -28.42 -2.98
C TYR B 147 16.01 -27.76 -2.18
N ARG B 148 16.22 -26.46 -2.38
CA ARG B 148 17.21 -25.71 -1.61
C ARG B 148 16.49 -24.68 -0.76
N SER B 149 16.61 -24.78 0.56
CA SER B 149 16.01 -23.81 1.46
C SER B 149 17.16 -23.05 2.09
N VAL B 150 17.60 -22.00 1.42
CA VAL B 150 18.88 -21.36 1.70
C VAL B 150 18.83 -20.37 2.86
N GLY B 151 17.76 -19.58 2.94
CA GLY B 151 17.70 -18.46 3.86
C GLY B 151 18.36 -17.21 3.28
N GLN B 152 17.79 -16.67 2.22
CA GLN B 152 18.29 -15.42 1.65
C GLN B 152 17.12 -14.64 1.08
N GLY B 153 17.40 -13.41 0.67
CA GLY B 153 16.41 -12.54 0.08
C GLY B 153 16.09 -12.90 -1.36
N MSE B 154 15.18 -12.12 -1.94
CA MSE B 154 14.65 -12.43 -3.26
C MSE B 154 15.72 -12.35 -4.35
O MSE B 154 15.76 -13.21 -5.25
CB MSE B 154 13.48 -11.50 -3.59
CG MSE B 154 12.58 -12.01 -4.70
SE MSE B 154 11.66 -13.69 -4.24
CE MSE B 154 12.69 -14.87 -5.39
N GLY B 155 16.55 -11.32 -4.30
CA GLY B 155 17.58 -11.13 -5.31
C GLY B 155 18.57 -12.29 -5.33
N PRO B 156 19.14 -12.61 -4.17
CA PRO B 156 20.09 -13.73 -4.10
C PRO B 156 19.42 -15.06 -4.49
N THR B 157 18.13 -15.23 -4.16
CA THR B 157 17.42 -16.44 -4.54
C THR B 157 17.35 -16.54 -6.08
N LEU B 158 16.98 -15.45 -6.74
CA LEU B 158 16.93 -15.42 -8.20
C LEU B 158 18.29 -15.66 -8.82
N ASN B 159 19.31 -14.99 -8.29
CA ASN B 159 20.66 -15.21 -8.78
C ASN B 159 21.02 -16.69 -8.67
N MSE B 160 20.69 -17.31 -7.55
CA MSE B 160 21.03 -18.71 -7.41
C MSE B 160 20.29 -19.60 -8.42
O MSE B 160 20.86 -20.52 -8.98
CB MSE B 160 20.77 -19.21 -6.00
CG MSE B 160 21.15 -20.66 -5.88
SE MSE B 160 21.14 -21.24 -4.06
CE MSE B 160 23.01 -20.83 -3.61
N ALA B 161 19.01 -19.32 -8.63
CA ALA B 161 18.24 -20.03 -9.64
C ALA B 161 18.84 -19.85 -11.03
N SER B 162 19.30 -18.64 -11.33
CA SER B 162 19.94 -18.42 -12.61
C SER B 162 21.27 -19.19 -12.74
N GLU B 163 22.12 -19.12 -11.72
CA GLU B 163 23.41 -19.80 -11.77
C GLU B 163 23.21 -21.30 -11.87
N MSE B 164 22.24 -21.82 -11.14
CA MSE B 164 21.96 -23.26 -11.11
C MSE B 164 21.09 -23.73 -12.29
O MSE B 164 20.91 -24.95 -12.50
CB MSE B 164 21.23 -23.61 -9.80
CG MSE B 164 22.03 -23.31 -8.52
SE MSE B 164 23.71 -24.31 -8.53
CE MSE B 164 24.91 -22.96 -9.15
N GLN B 165 20.55 -22.77 -13.02
CA GLN B 165 19.50 -23.06 -14.01
C GLN B 165 18.36 -23.91 -13.41
N GLY B 166 17.79 -23.44 -12.30
CA GLY B 166 16.66 -24.10 -11.69
C GLY B 166 15.45 -23.16 -11.58
N TYR B 167 14.44 -23.62 -10.87
CA TYR B 167 13.20 -22.91 -10.75
C TYR B 167 13.11 -22.20 -9.41
N THR B 168 12.28 -21.16 -9.37
CA THR B 168 11.96 -20.51 -8.12
C THR B 168 10.67 -19.69 -8.26
N MSE B 169 10.11 -19.26 -7.14
CA MSE B 169 8.96 -18.36 -7.15
C MSE B 169 9.41 -16.97 -6.72
O MSE B 169 10.12 -16.81 -5.71
CB MSE B 169 7.86 -18.85 -6.20
CG MSE B 169 6.57 -18.02 -6.30
SE MSE B 169 5.15 -18.67 -5.12
CE MSE B 169 5.89 -18.03 -3.43
N SER B 170 9.01 -15.95 -7.48
CA SER B 170 9.45 -14.59 -7.25
C SER B 170 8.27 -13.62 -7.32
N ASP B 171 8.31 -12.58 -6.49
CA ASP B 171 7.39 -11.47 -6.69
C ASP B 171 7.82 -10.83 -8.00
N ARG B 172 6.86 -10.25 -8.71
CA ARG B 172 7.13 -9.69 -10.03
C ARG B 172 8.07 -8.49 -9.94
N GLY B 173 7.96 -7.73 -8.87
CA GLY B 173 8.79 -6.53 -8.69
C GLY B 173 10.27 -6.78 -8.69
N THR B 174 10.72 -7.77 -7.92
CA THR B 174 12.14 -8.10 -7.90
C THR B 174 12.50 -8.73 -9.25
N TRP B 175 11.57 -9.48 -9.83
CA TRP B 175 11.84 -10.07 -11.15
C TRP B 175 12.15 -8.98 -12.19
N LEU B 176 11.36 -7.91 -12.18
CA LEU B 176 11.51 -6.80 -13.10
C LEU B 176 12.86 -6.12 -12.91
N ALA B 177 13.34 -6.10 -11.66
CA ALA B 177 14.61 -5.44 -11.32
C ALA B 177 15.84 -6.24 -11.73
N TYR B 178 15.70 -7.57 -11.74
CA TYR B 178 16.85 -8.44 -11.88
C TYR B 178 16.89 -9.13 -13.24
N GLN B 179 15.78 -9.06 -13.97
CA GLN B 179 15.59 -9.95 -15.12
C GLN B 179 16.68 -9.78 -16.18
N ASN B 180 17.21 -8.57 -16.29
CA ASN B 180 18.28 -8.27 -17.23
C ASN B 180 19.60 -8.98 -16.92
N LYS B 181 19.79 -9.40 -15.67
CA LYS B 181 21.02 -10.10 -15.28
C LYS B 181 20.83 -11.62 -15.13
N LEU B 182 19.60 -12.08 -15.31
CA LEU B 182 19.28 -13.51 -15.11
C LEU B 182 19.07 -14.28 -16.43
N ASP B 183 19.58 -15.51 -16.48
CA ASP B 183 19.27 -16.41 -17.59
C ASP B 183 18.06 -17.29 -17.25
N LEU B 184 16.93 -16.62 -17.04
CA LEU B 184 15.68 -17.29 -16.68
C LEU B 184 14.56 -16.59 -17.42
N GLU B 185 13.39 -17.19 -17.42
CA GLU B 185 12.20 -16.57 -17.99
C GLU B 185 11.03 -16.88 -17.10
N ILE B 186 9.97 -16.09 -17.19
CA ILE B 186 8.74 -16.46 -16.53
C ILE B 186 8.19 -17.69 -17.24
N LEU B 187 7.99 -18.77 -16.49
CA LEU B 187 7.49 -20.01 -17.09
C LEU B 187 6.03 -20.27 -16.75
N PHE B 188 5.59 -19.80 -15.59
CA PHE B 188 4.20 -19.96 -15.21
C PHE B 188 3.67 -18.75 -14.44
N GLN B 189 2.52 -18.24 -14.89
CA GLN B 189 1.80 -17.17 -14.20
C GLN B 189 0.34 -17.26 -14.60
N GLY B 190 -0.51 -16.42 -14.02
CA GLY B 190 -1.88 -16.37 -14.47
C GLY B 190 -2.85 -17.27 -13.71
N ASP B 191 -2.34 -17.95 -12.67
CA ASP B 191 -3.17 -18.62 -11.67
C ASP B 191 -3.60 -17.59 -10.63
N GLU B 192 -4.87 -17.65 -10.25
CA GLU B 192 -5.47 -16.69 -9.35
C GLU B 192 -4.76 -16.62 -8.00
N LYS B 193 -4.19 -17.74 -7.58
CA LYS B 193 -3.52 -17.82 -6.29
C LYS B 193 -2.25 -16.97 -6.26
N LEU B 194 -1.74 -16.62 -7.45
CA LEU B 194 -0.45 -15.92 -7.57
C LEU B 194 -0.61 -14.40 -7.50
N PHE B 195 -1.83 -13.94 -7.77
CA PHE B 195 -2.13 -12.52 -7.70
C PHE B 195 -3.26 -12.26 -6.71
N ASN B 196 -2.92 -11.65 -5.59
CA ASN B 196 -3.87 -11.40 -4.53
C ASN B 196 -3.75 -9.96 -4.07
N PRO B 197 -4.68 -9.11 -4.50
CA PRO B 197 -4.79 -7.80 -3.86
C PRO B 197 -5.61 -8.02 -2.58
N TYR B 198 -5.06 -7.67 -1.43
CA TYR B 198 -5.80 -7.72 -0.18
C TYR B 198 -6.62 -6.46 0.04
N GLN B 199 -7.79 -6.63 0.65
CA GLN B 199 -8.63 -5.51 1.07
C GLN B 199 -9.06 -5.67 2.53
N VAL B 200 -9.05 -4.57 3.27
CA VAL B 200 -9.65 -4.56 4.59
C VAL B 200 -10.96 -3.77 4.45
N ILE B 201 -12.04 -4.33 4.97
CA ILE B 201 -13.36 -3.73 4.82
C ILE B 201 -14.09 -3.74 6.17
N LEU B 202 -14.69 -2.62 6.53
CA LEU B 202 -15.33 -2.51 7.83
C LEU B 202 -16.77 -3.02 7.74
N VAL B 203 -17.21 -3.74 8.77
CA VAL B 203 -18.62 -4.13 8.82
C VAL B 203 -19.50 -2.88 9.02
N ASN B 204 -20.59 -2.79 8.26
CA ASN B 204 -21.38 -1.57 8.17
C ASN B 204 -22.21 -1.27 9.42
N PRO B 205 -21.90 -0.18 10.15
CA PRO B 205 -22.73 0.12 11.32
C PRO B 205 -24.19 0.48 10.99
N GLU B 206 -24.49 0.83 9.73
CA GLU B 206 -25.88 1.02 9.34
C GLU B 206 -26.68 -0.28 9.40
N ARG B 207 -25.97 -1.40 9.26
CA ARG B 207 -26.59 -2.73 9.38
C ARG B 207 -26.56 -3.24 10.80
N TYR B 208 -25.49 -2.93 11.52
CA TYR B 208 -25.30 -3.41 12.89
C TYR B 208 -24.86 -2.28 13.78
N PRO B 209 -25.83 -1.54 14.33
CA PRO B 209 -25.59 -0.33 15.14
C PRO B 209 -24.64 -0.52 16.33
N THR B 210 -24.55 -1.74 16.86
CA THR B 210 -23.65 -2.02 17.97
C THR B 210 -22.31 -2.61 17.52
N ILE B 211 -22.05 -2.61 16.23
CA ILE B 211 -20.75 -3.10 15.74
C ILE B 211 -19.61 -2.21 16.31
N ASN B 212 -18.45 -2.80 16.57
CA ASN B 212 -17.30 -2.04 17.08
C ASN B 212 -16.62 -1.30 15.93
N TYR B 213 -17.35 -0.34 15.36
CA TYR B 213 -16.86 0.43 14.22
C TYR B 213 -15.64 1.24 14.62
N GLN B 214 -15.63 1.73 15.84
CA GLN B 214 -14.52 2.56 16.27
C GLN B 214 -13.21 1.78 16.28
N GLY B 215 -13.22 0.58 16.84
CA GLY B 215 -12.02 -0.25 16.89
C GLY B 215 -11.61 -0.74 15.52
N ALA B 216 -12.59 -1.10 14.71
CA ALA B 216 -12.32 -1.66 13.40
C ALA B 216 -11.71 -0.57 12.53
N LYS B 217 -12.28 0.62 12.57
CA LYS B 217 -11.72 1.72 11.81
C LYS B 217 -10.31 2.08 12.33
N ALA B 218 -10.08 1.92 13.64
CA ALA B 218 -8.74 2.21 14.14
C ALA B 218 -7.71 1.28 13.51
N PHE B 219 -8.07 0.00 13.39
CA PHE B 219 -7.17 -1.00 12.81
C PHE B 219 -6.94 -0.73 11.32
N SER B 220 -8.03 -0.48 10.60
CA SER B 220 -7.93 -0.07 9.20
C SER B 220 -7.04 1.18 9.00
N ASP B 221 -7.35 2.27 9.69
CA ASP B 221 -6.53 3.48 9.61
C ASP B 221 -5.06 3.14 9.88
N TRP B 222 -4.81 2.37 10.93
CA TRP B 222 -3.46 2.02 11.31
C TRP B 222 -2.78 1.24 10.18
N LEU B 223 -3.51 0.29 9.58
CA LEU B 223 -2.93 -0.55 8.52
C LEU B 223 -2.51 0.26 7.30
N VAL B 224 -3.23 1.34 6.99
CA VAL B 224 -2.92 2.05 5.75
C VAL B 224 -1.98 3.23 5.96
N ASN B 225 -1.69 3.55 7.22
CA ASN B 225 -0.74 4.62 7.52
C ASN B 225 0.72 4.16 7.46
N PRO B 226 1.65 5.11 7.43
CA PRO B 226 3.03 4.70 7.12
C PRO B 226 3.65 3.72 8.12
N ARG B 227 3.34 3.85 9.39
CA ARG B 227 3.91 2.98 10.42
C ARG B 227 3.45 1.52 10.21
N GLY B 228 2.15 1.33 10.04
CA GLY B 228 1.66 -0.02 9.76
C GLY B 228 2.18 -0.59 8.44
N GLN B 229 2.22 0.25 7.42
CA GLN B 229 2.72 -0.16 6.11
C GLN B 229 4.19 -0.57 6.14
N GLU B 230 4.98 0.09 6.97
CA GLU B 230 6.38 -0.28 7.09
C GLU B 230 6.52 -1.67 7.72
N LEU B 231 5.67 -1.99 8.70
CA LEU B 231 5.63 -3.34 9.26
C LEU B 231 5.24 -4.35 8.20
N ILE B 232 4.18 -4.05 7.45
CA ILE B 232 3.71 -4.97 6.42
C ILE B 232 4.79 -5.18 5.37
N ASN B 233 5.45 -4.10 4.99
CA ASN B 233 6.44 -4.20 3.95
C ASN B 233 7.68 -4.96 4.40
N GLY B 234 8.00 -4.85 5.69
CA GLY B 234 9.15 -5.56 6.23
C GLY B 234 8.93 -7.05 6.12
N PHE B 235 7.68 -7.47 6.27
CA PHE B 235 7.30 -8.87 6.13
C PHE B 235 7.35 -9.33 4.67
N ARG B 236 6.94 -8.45 3.76
CA ARG B 236 6.84 -8.78 2.33
C ARG B 236 8.17 -8.79 1.57
N LEU B 237 9.11 -7.94 1.97
CA LEU B 237 10.38 -7.80 1.23
C LEU B 237 11.11 -9.11 0.96
#